data_5RZL
#
_entry.id   5RZL
#
_cell.length_a   38.547
_cell.length_b   77.418
_cell.length_c   99.743
_cell.angle_alpha   90.000
_cell.angle_beta   90.000
_cell.angle_gamma   90.000
#
_symmetry.space_group_name_H-M   'P 21 21 21'
#
loop_
_entity.id
_entity.type
_entity.pdbx_description
1 polymer 'Isoform 2 of Band 4.1-like protein 3'
2 non-polymer ~{N}-[(3~{R})-1,2,3,4-tetrahydroquinolin-3-yl]ethanamide
3 non-polymer 'DIMETHYL SULFOXIDE'
4 non-polymer 1,2-ETHANEDIOL
5 water water
#
_entity_poly.entity_id   1
_entity_poly.type   'polypeptide(L)'
_entity_poly.pdbx_seq_one_letter_code
;SMPKSMQCKVILLDGSEYTCDVEKRSRGQVLFDKVCEHLNLLEKDYFGLTYRDAENQKNWLDPAKEIKKQVRSGAWHFSF
NVKFYPPDPAQLSEDITRYYLCLQLRDDIVSGRLPCSFVTLALLGSYTVQSELGDYDPDECGSDYISEFRFAPNHTKELE
DKVIELHKSHRGMTPAEAEMHFLENAKKLSMYGVDLHHAKDSEGVEIMLGVCASGLLIYRDRLRINRFAWPKVLKISYKR
NNFYIKIRPGEFEQFESTIGFKLPNHRAAKRLWKVCVEHHTFFRLL
;
_entity_poly.pdbx_strand_id   A
#
loop_
_chem_comp.id
_chem_comp.type
_chem_comp.name
_chem_comp.formula
DMS non-polymer 'DIMETHYL SULFOXIDE' 'C2 H6 O S'
EDO non-polymer 1,2-ETHANEDIOL 'C2 H6 O2'
S7G non-polymer ~{N}-[(3~{R})-1,2,3,4-tetrahydroquinolin-3-yl]ethanamide 'C11 H14 N2 O'
#
# COMPACT_ATOMS: atom_id res chain seq x y z
N PRO A 3 30.83 -18.52 -6.93
CA PRO A 3 29.47 -17.96 -7.13
C PRO A 3 29.32 -16.56 -6.51
N LYS A 4 29.32 -15.52 -7.34
CA LYS A 4 29.41 -14.12 -6.85
C LYS A 4 28.06 -13.63 -6.34
N SER A 5 28.05 -13.11 -5.11
N SER A 5 28.07 -13.15 -5.09
CA SER A 5 26.83 -12.66 -4.40
CA SER A 5 26.89 -12.63 -4.34
C SER A 5 26.86 -11.15 -4.15
C SER A 5 26.86 -11.10 -4.44
N MET A 6 25.68 -10.51 -4.20
CA MET A 6 25.50 -9.05 -4.03
C MET A 6 24.80 -8.85 -2.69
N GLN A 7 25.22 -7.85 -1.93
CA GLN A 7 24.59 -7.45 -0.67
C GLN A 7 23.29 -6.72 -0.96
N CYS A 8 22.20 -7.13 -0.34
CA CYS A 8 20.87 -6.47 -0.44
C CYS A 8 20.54 -5.84 0.88
N LYS A 9 20.01 -4.62 0.88
CA LYS A 9 19.54 -3.92 2.08
C LYS A 9 18.05 -3.66 1.91
N VAL A 10 17.25 -4.13 2.87
CA VAL A 10 15.77 -4.06 2.79
C VAL A 10 15.30 -3.25 3.99
N ILE A 11 14.60 -2.15 3.75
CA ILE A 11 13.92 -1.39 4.82
C ILE A 11 12.62 -2.14 5.14
N LEU A 12 12.50 -2.56 6.39
CA LEU A 12 11.33 -3.29 6.92
C LEU A 12 10.30 -2.28 7.40
N LEU A 13 9.07 -2.75 7.59
CA LEU A 13 7.94 -1.86 7.87
C LEU A 13 8.06 -1.23 9.25
N ASP A 14 8.86 -1.80 10.16
CA ASP A 14 9.14 -1.15 11.49
C ASP A 14 10.29 -0.15 11.37
N GLY A 15 10.84 0.07 10.16
CA GLY A 15 11.89 1.07 9.89
C GLY A 15 13.30 0.51 10.06
N SER A 16 13.42 -0.74 10.47
CA SER A 16 14.74 -1.42 10.61
C SER A 16 15.21 -1.93 9.24
N GLU A 17 16.52 -2.17 9.14
CA GLU A 17 17.22 -2.63 7.91
C GLU A 17 17.54 -4.11 8.04
N TYR A 18 17.16 -4.91 7.05
CA TYR A 18 17.60 -6.30 6.95
C TYR A 18 18.62 -6.35 5.82
N THR A 19 19.76 -7.00 6.06
CA THR A 19 20.86 -7.17 5.09
C THR A 19 20.99 -8.65 4.78
N CYS A 20 21.06 -9.02 3.51
CA CYS A 20 21.45 -10.39 3.11
C CYS A 20 22.21 -10.34 1.80
N ASP A 21 22.66 -11.51 1.38
CA ASP A 21 23.39 -11.69 0.12
C ASP A 21 22.54 -12.61 -0.75
N VAL A 22 22.51 -12.34 -2.03
CA VAL A 22 22.00 -13.31 -3.02
C VAL A 22 23.00 -13.38 -4.17
N GLU A 23 23.06 -14.51 -4.87
CA GLU A 23 23.84 -14.66 -6.12
C GLU A 23 23.43 -13.53 -7.08
N LYS A 24 24.38 -12.89 -7.78
CA LYS A 24 24.14 -11.64 -8.55
C LYS A 24 23.10 -11.83 -9.68
N ARG A 25 22.96 -13.05 -10.23
CA ARG A 25 21.93 -13.35 -11.26
C ARG A 25 20.59 -13.81 -10.64
N SER A 26 20.41 -13.68 -9.34
CA SER A 26 19.15 -14.07 -8.65
C SER A 26 17.92 -13.34 -9.21
N ARG A 27 16.80 -14.06 -9.30
CA ARG A 27 15.45 -13.50 -9.52
C ARG A 27 14.96 -12.84 -8.24
N GLY A 28 13.99 -11.91 -8.34
CA GLY A 28 13.47 -11.18 -7.16
C GLY A 28 12.92 -12.13 -6.10
N GLN A 29 12.32 -13.28 -6.51
CA GLN A 29 11.67 -14.22 -5.56
C GLN A 29 12.69 -14.69 -4.52
N VAL A 30 13.95 -14.87 -4.94
CA VAL A 30 15.03 -15.38 -4.05
C VAL A 30 15.14 -14.42 -2.87
N LEU A 31 15.26 -13.10 -3.11
CA LEU A 31 15.43 -12.09 -2.02
C LEU A 31 14.12 -11.99 -1.23
N PHE A 32 13.02 -11.94 -1.91
CA PHE A 32 11.70 -11.88 -1.23
C PHE A 32 11.53 -13.07 -0.25
N ASP A 33 11.84 -14.30 -0.67
CA ASP A 33 11.73 -15.52 0.20
C ASP A 33 12.58 -15.31 1.46
N LYS A 34 13.81 -14.82 1.30
CA LYS A 34 14.71 -14.53 2.46
C LYS A 34 14.07 -13.50 3.40
N VAL A 35 13.50 -12.41 2.88
CA VAL A 35 12.92 -11.36 3.75
C VAL A 35 11.70 -11.95 4.50
N CYS A 36 10.85 -12.67 3.79
CA CYS A 36 9.61 -13.24 4.37
C CYS A 36 9.97 -14.26 5.45
N GLU A 37 10.99 -15.09 5.23
CA GLU A 37 11.46 -16.04 6.28
C GLU A 37 11.91 -15.21 7.49
N HIS A 38 12.73 -14.17 7.29
CA HIS A 38 13.18 -13.28 8.38
C HIS A 38 11.96 -12.77 9.16
N LEU A 39 10.88 -12.44 8.43
CA LEU A 39 9.71 -11.79 9.07
C LEU A 39 8.77 -12.85 9.67
N ASN A 40 9.03 -14.16 9.49
CA ASN A 40 8.11 -15.28 9.86
C ASN A 40 6.74 -15.11 9.17
N LEU A 41 6.76 -14.69 7.91
CA LEU A 41 5.54 -14.37 7.12
C LEU A 41 5.28 -15.54 6.17
N LEU A 42 4.10 -16.15 6.32
CA LEU A 42 3.60 -17.24 5.45
C LEU A 42 2.65 -16.69 4.41
N GLU A 43 1.78 -15.74 4.77
CA GLU A 43 0.79 -15.23 3.80
C GLU A 43 1.49 -14.16 2.94
N LYS A 44 2.41 -14.59 2.11
CA LYS A 44 3.35 -13.72 1.35
C LYS A 44 2.72 -13.03 0.12
N ASP A 45 1.62 -13.55 -0.41
CA ASP A 45 0.98 -13.14 -1.68
C ASP A 45 0.59 -11.65 -1.66
N TYR A 46 0.28 -11.08 -0.49
CA TYR A 46 -0.15 -9.66 -0.35
C TYR A 46 1.03 -8.69 -0.39
N PHE A 47 2.27 -9.16 -0.37
CA PHE A 47 3.46 -8.30 -0.12
C PHE A 47 4.41 -8.34 -1.33
N GLY A 48 5.39 -7.45 -1.37
CA GLY A 48 6.44 -7.45 -2.37
C GLY A 48 7.53 -6.50 -1.92
N LEU A 49 8.55 -6.40 -2.74
CA LEU A 49 9.70 -5.49 -2.52
C LEU A 49 9.59 -4.38 -3.54
N THR A 50 9.88 -3.16 -3.10
CA THR A 50 9.97 -2.00 -3.98
C THR A 50 11.42 -1.56 -4.02
N TYR A 51 11.77 -0.82 -5.07
CA TYR A 51 13.08 -0.13 -5.18
C TYR A 51 12.85 1.21 -5.89
N ARG A 52 13.61 2.25 -5.49
CA ARG A 52 13.54 3.63 -6.04
C ARG A 52 14.55 3.77 -7.19
N ASP A 53 14.13 4.34 -8.32
CA ASP A 53 15.00 4.64 -9.49
C ASP A 53 15.61 6.04 -9.32
N ALA A 54 16.19 6.56 -10.41
CA ALA A 54 16.92 7.85 -10.49
C ALA A 54 16.04 9.03 -10.07
N GLU A 55 14.74 9.00 -10.39
CA GLU A 55 13.82 10.13 -10.09
C GLU A 55 13.10 9.84 -8.76
N ASN A 56 13.59 8.84 -8.02
CA ASN A 56 13.08 8.42 -6.69
C ASN A 56 11.62 7.96 -6.80
N GLN A 57 11.27 7.36 -7.94
CA GLN A 57 9.94 6.73 -8.17
C GLN A 57 9.97 5.29 -7.62
N LYS A 58 8.86 4.84 -7.02
CA LYS A 58 8.70 3.45 -6.53
C LYS A 58 8.47 2.54 -7.74
N ASN A 59 9.10 1.37 -7.71
CA ASN A 59 8.89 0.27 -8.70
C ASN A 59 8.79 -1.05 -7.93
N TRP A 60 7.81 -1.90 -8.25
CA TRP A 60 7.74 -3.25 -7.66
C TRP A 60 8.86 -4.08 -8.27
N LEU A 61 9.66 -4.73 -7.44
CA LEU A 61 10.61 -5.78 -7.87
C LEU A 61 9.80 -6.98 -8.36
N ASP A 62 9.95 -7.32 -9.63
CA ASP A 62 9.24 -8.48 -10.23
C ASP A 62 9.95 -9.73 -9.77
N PRO A 63 9.27 -10.58 -8.99
CA PRO A 63 9.90 -11.78 -8.43
C PRO A 63 10.37 -12.76 -9.48
N ALA A 64 9.75 -12.74 -10.67
CA ALA A 64 10.07 -13.63 -11.81
C ALA A 64 11.28 -13.20 -12.63
N LYS A 65 11.81 -12.01 -12.42
CA LYS A 65 12.90 -11.45 -13.27
C LYS A 65 14.17 -11.26 -12.45
N GLU A 66 15.30 -11.23 -13.13
CA GLU A 66 16.60 -10.98 -12.48
C GLU A 66 16.53 -9.64 -11.74
N ILE A 67 17.01 -9.61 -10.51
CA ILE A 67 17.14 -8.36 -9.72
C ILE A 67 17.98 -7.34 -10.52
N LYS A 68 19.11 -7.77 -11.06
CA LYS A 68 20.09 -6.85 -11.71
C LYS A 68 19.46 -6.17 -12.92
N LYS A 69 18.53 -6.82 -13.62
CA LYS A 69 17.92 -6.28 -14.87
C LYS A 69 16.81 -5.30 -14.50
N GLN A 70 16.49 -5.19 -13.21
CA GLN A 70 15.46 -4.25 -12.71
C GLN A 70 16.15 -3.05 -12.05
N VAL A 71 17.04 -3.28 -11.09
CA VAL A 71 17.72 -2.16 -10.37
C VAL A 71 18.75 -1.54 -11.33
N ARG A 72 19.24 -2.34 -12.29
CA ARG A 72 20.14 -1.90 -13.41
C ARG A 72 21.36 -1.18 -12.84
N SER A 73 21.38 0.16 -12.89
CA SER A 73 22.53 0.99 -12.50
C SER A 73 22.45 1.34 -11.00
N GLY A 74 21.27 1.17 -10.39
CA GLY A 74 20.98 1.60 -9.00
C GLY A 74 21.57 0.66 -7.96
N ALA A 75 21.49 1.08 -6.70
CA ALA A 75 21.91 0.32 -5.49
C ALA A 75 20.92 -0.82 -5.25
N TRP A 76 21.38 -1.91 -4.64
CA TRP A 76 20.52 -3.07 -4.29
C TRP A 76 19.87 -2.79 -2.94
N HIS A 77 19.05 -1.73 -2.92
CA HIS A 77 18.36 -1.19 -1.74
C HIS A 77 16.86 -1.31 -2.04
N PHE A 78 16.13 -1.83 -1.09
CA PHE A 78 14.70 -2.16 -1.32
C PHE A 78 13.92 -1.77 -0.08
N SER A 79 12.59 -1.76 -0.23
CA SER A 79 11.64 -1.71 0.89
C SER A 79 10.73 -2.92 0.82
N PHE A 80 10.30 -3.39 1.97
CA PHE A 80 9.23 -4.39 2.09
C PHE A 80 7.90 -3.69 2.28
N ASN A 81 6.92 -4.02 1.45
CA ASN A 81 5.63 -3.29 1.42
C ASN A 81 4.44 -4.20 1.14
N VAL A 82 3.28 -3.70 1.51
CA VAL A 82 2.02 -4.33 1.07
C VAL A 82 1.83 -3.98 -0.41
N LYS A 83 1.62 -4.99 -1.22
CA LYS A 83 1.34 -4.85 -2.67
C LYS A 83 -0.17 -4.89 -2.89
N PHE A 84 -0.85 -5.90 -2.35
CA PHE A 84 -2.33 -6.10 -2.53
C PHE A 84 -3.03 -5.96 -1.19
N TYR A 85 -3.76 -4.85 -0.96
CA TYR A 85 -4.37 -4.59 0.35
C TYR A 85 -5.64 -5.43 0.44
N PRO A 86 -5.74 -6.38 1.38
CA PRO A 86 -6.92 -7.26 1.42
C PRO A 86 -8.18 -6.44 1.74
N PRO A 87 -9.26 -6.54 0.95
CA PRO A 87 -10.49 -5.82 1.27
C PRO A 87 -11.08 -6.21 2.63
N ASP A 88 -10.88 -7.44 3.05
CA ASP A 88 -11.38 -7.90 4.38
C ASP A 88 -10.26 -8.57 5.13
N PRO A 89 -9.46 -7.78 5.89
CA PRO A 89 -8.31 -8.31 6.62
C PRO A 89 -8.68 -9.39 7.64
N ALA A 90 -9.92 -9.43 8.13
CA ALA A 90 -10.41 -10.50 9.03
C ALA A 90 -10.27 -11.90 8.40
N GLN A 91 -10.28 -11.96 7.06
CA GLN A 91 -10.21 -13.23 6.27
C GLN A 91 -8.78 -13.79 6.31
N LEU A 92 -7.77 -12.94 6.53
CA LEU A 92 -6.36 -13.44 6.51
C LEU A 92 -6.25 -14.52 7.61
N SER A 93 -5.46 -15.56 7.35
CA SER A 93 -5.32 -16.71 8.26
C SER A 93 -4.53 -16.33 9.53
N GLU A 94 -3.51 -15.48 9.40
CA GLU A 94 -2.54 -15.27 10.49
C GLU A 94 -2.58 -13.86 11.04
N ASP A 95 -2.44 -13.78 12.34
CA ASP A 95 -2.31 -12.53 13.07
C ASP A 95 -1.05 -11.79 12.58
N ILE A 96 0.04 -12.48 12.28
CA ILE A 96 1.31 -11.78 11.94
C ILE A 96 1.13 -11.10 10.59
N THR A 97 0.25 -11.64 9.73
CA THR A 97 -0.09 -11.00 8.44
C THR A 97 -0.79 -9.70 8.75
N ARG A 98 -1.76 -9.73 9.66
CA ARG A 98 -2.54 -8.51 9.99
C ARG A 98 -1.59 -7.48 10.61
N TYR A 99 -0.60 -7.93 11.38
CA TYR A 99 0.41 -7.06 12.04
C TYR A 99 1.19 -6.25 10.98
N TYR A 100 1.76 -6.88 9.96
CA TYR A 100 2.54 -6.20 8.91
C TYR A 100 1.62 -5.30 8.13
N LEU A 101 0.36 -5.72 7.88
CA LEU A 101 -0.59 -4.83 7.20
C LEU A 101 -0.82 -3.57 8.02
N CYS A 102 -0.93 -3.70 9.35
CA CYS A 102 -1.07 -2.54 10.27
C CYS A 102 0.14 -1.62 10.11
N LEU A 103 1.36 -2.18 10.16
CA LEU A 103 2.55 -1.32 10.09
C LEU A 103 2.53 -0.56 8.76
N GLN A 104 2.16 -1.21 7.65
CA GLN A 104 2.10 -0.55 6.31
C GLN A 104 1.11 0.61 6.38
N LEU A 105 -0.11 0.35 6.89
CA LEU A 105 -1.17 1.38 6.99
C LEU A 105 -0.72 2.55 7.87
N ARG A 106 -0.05 2.27 8.98
CA ARG A 106 0.47 3.36 9.85
C ARG A 106 1.34 4.29 9.00
N ASP A 107 2.14 3.75 8.08
CA ASP A 107 3.04 4.57 7.21
C ASP A 107 2.22 5.25 6.13
N ASP A 108 1.21 4.58 5.63
CA ASP A 108 0.27 5.17 4.66
C ASP A 108 -0.37 6.40 5.32
N ILE A 109 -0.73 6.30 6.59
CA ILE A 109 -1.41 7.42 7.29
C ILE A 109 -0.41 8.56 7.54
N VAL A 110 0.73 8.28 8.17
CA VAL A 110 1.70 9.34 8.62
C VAL A 110 2.18 10.09 7.36
N SER A 111 2.29 9.38 6.23
CA SER A 111 2.83 9.89 4.94
C SER A 111 1.80 10.77 4.26
N GLY A 112 0.52 10.60 4.60
CA GLY A 112 -0.62 11.30 3.99
C GLY A 112 -1.10 10.65 2.71
N ARG A 113 -0.58 9.49 2.31
CA ARG A 113 -1.15 8.70 1.19
C ARG A 113 -2.56 8.24 1.53
N LEU A 114 -2.86 8.04 2.82
CA LEU A 114 -4.19 7.53 3.25
C LEU A 114 -4.84 8.58 4.13
N PRO A 115 -5.66 9.46 3.54
CA PRO A 115 -6.26 10.54 4.28
C PRO A 115 -7.27 9.97 5.27
N CYS A 116 -7.45 10.71 6.36
N CYS A 116 -7.28 10.56 6.47
CA CYS A 116 -8.15 10.22 7.56
CA CYS A 116 -8.17 10.21 7.60
C CYS A 116 -8.67 11.42 8.37
C CYS A 116 -8.76 11.49 8.20
N SER A 117 -9.93 11.37 8.81
CA SER A 117 -10.53 12.39 9.69
C SER A 117 -9.76 12.40 11.02
N PHE A 118 -9.88 13.48 11.77
CA PHE A 118 -9.38 13.63 13.15
C PHE A 118 -9.76 12.41 13.98
N VAL A 119 -11.05 12.06 14.01
CA VAL A 119 -11.53 11.01 14.93
C VAL A 119 -10.93 9.67 14.51
N THR A 120 -10.88 9.35 13.22
CA THR A 120 -10.27 8.10 12.74
C THR A 120 -8.77 8.08 13.01
N LEU A 121 -8.05 9.18 12.81
CA LEU A 121 -6.63 9.25 13.22
C LEU A 121 -6.52 8.85 14.70
N ALA A 122 -7.32 9.45 15.57
CA ALA A 122 -7.22 9.21 17.03
C ALA A 122 -7.61 7.76 17.35
N LEU A 123 -8.64 7.23 16.68
CA LEU A 123 -9.09 5.85 16.94
C LEU A 123 -8.03 4.83 16.50
N LEU A 124 -7.51 4.94 15.27
CA LEU A 124 -6.38 4.10 14.78
C LEU A 124 -5.18 4.21 15.73
N GLY A 125 -4.79 5.43 16.10
CA GLY A 125 -3.68 5.62 17.02
C GLY A 125 -3.94 4.91 18.35
N SER A 126 -5.17 5.02 18.88
CA SER A 126 -5.54 4.37 20.17
C SER A 126 -5.36 2.84 20.10
N TYR A 127 -5.71 2.20 18.99
CA TYR A 127 -5.53 0.75 18.79
C TYR A 127 -4.03 0.44 18.71
N THR A 128 -3.27 1.21 17.97
CA THR A 128 -1.79 1.00 17.90
C THR A 128 -1.22 1.04 19.33
N VAL A 129 -1.59 2.06 20.11
CA VAL A 129 -1.03 2.18 21.48
C VAL A 129 -1.45 0.96 22.29
N GLN A 130 -2.71 0.56 22.22
CA GLN A 130 -3.21 -0.60 23.01
C GLN A 130 -2.39 -1.83 22.62
N SER A 131 -2.24 -2.08 21.31
N SER A 131 -2.19 -2.04 21.31
CA SER A 131 -1.44 -3.21 20.76
CA SER A 131 -1.45 -3.20 20.74
C SER A 131 0.00 -3.14 21.30
C SER A 131 0.04 -3.16 21.13
N GLU A 132 0.62 -1.96 21.30
CA GLU A 132 2.08 -1.83 21.61
C GLU A 132 2.36 -1.68 23.10
N LEU A 133 1.60 -0.89 23.85
CA LEU A 133 1.88 -0.67 25.30
C LEU A 133 0.95 -1.51 26.16
N GLY A 134 -0.15 -2.01 25.62
CA GLY A 134 -1.16 -2.66 26.46
C GLY A 134 -2.05 -1.63 27.13
N ASP A 135 -2.63 -1.96 28.29
CA ASP A 135 -3.67 -1.15 28.95
C ASP A 135 -3.13 0.23 29.28
N TYR A 136 -4.01 1.22 29.20
CA TYR A 136 -3.72 2.62 29.55
C TYR A 136 -3.14 2.68 30.98
N ASP A 137 -2.07 3.46 31.14
CA ASP A 137 -1.37 3.69 32.43
C ASP A 137 -1.15 5.19 32.61
N PRO A 138 -1.83 5.82 33.59
CA PRO A 138 -1.68 7.26 33.85
C PRO A 138 -0.25 7.66 34.21
N ASP A 139 0.51 6.72 34.79
CA ASP A 139 1.88 6.96 35.34
C ASP A 139 2.78 7.45 34.21
N GLU A 140 2.62 6.90 33.01
CA GLU A 140 3.39 7.29 31.80
C GLU A 140 2.91 8.66 31.29
N CYS A 141 1.59 8.84 31.20
CA CYS A 141 0.94 10.01 30.56
C CYS A 141 0.41 11.00 31.61
N GLY A 142 0.91 12.23 31.58
CA GLY A 142 0.33 13.38 32.29
C GLY A 142 -0.53 14.20 31.34
N SER A 143 -1.00 15.37 31.77
CA SER A 143 -1.85 16.28 30.96
C SER A 143 -1.07 16.80 29.75
N ASP A 144 0.26 16.64 29.76
CA ASP A 144 1.17 17.22 28.74
C ASP A 144 1.80 16.11 27.88
N TYR A 145 1.24 14.90 27.90
CA TYR A 145 1.81 13.70 27.23
C TYR A 145 1.80 13.86 25.71
N ILE A 146 2.93 13.53 25.07
CA ILE A 146 3.05 13.32 23.60
C ILE A 146 3.70 11.95 23.34
N SER A 147 2.97 11.06 22.65
CA SER A 147 3.44 9.70 22.31
C SER A 147 4.66 9.76 21.39
N GLU A 148 5.53 8.78 21.51
CA GLU A 148 6.64 8.55 20.56
C GLU A 148 6.02 8.11 19.23
N PHE A 149 4.80 7.54 19.27
CA PHE A 149 4.11 7.01 18.08
C PHE A 149 3.73 8.23 17.24
N ARG A 150 4.04 8.08 15.98
CA ARG A 150 3.59 8.91 14.85
C ARG A 150 2.23 8.36 14.44
N PHE A 151 1.23 9.20 14.49
CA PHE A 151 -0.19 8.87 14.21
C PHE A 151 -0.72 9.55 12.98
N ALA A 152 -0.07 10.61 12.49
CA ALA A 152 -0.73 11.52 11.54
C ALA A 152 0.32 12.30 10.78
N PRO A 153 -0.04 12.82 9.60
CA PRO A 153 0.86 13.68 8.85
C PRO A 153 1.16 14.96 9.61
N ASN A 154 0.23 15.46 10.42
CA ASN A 154 0.45 16.66 11.26
C ASN A 154 -0.13 16.40 12.64
N HIS A 155 0.76 16.33 13.63
CA HIS A 155 0.42 16.10 15.05
C HIS A 155 -0.01 17.39 15.75
N THR A 156 -1.03 17.29 16.58
CA THR A 156 -1.56 18.37 17.44
C THR A 156 -1.76 17.80 18.83
N LYS A 157 -1.69 18.69 19.81
CA LYS A 157 -1.93 18.29 21.21
C LYS A 157 -3.34 17.72 21.32
N GLU A 158 -4.31 18.31 20.61
CA GLU A 158 -5.71 17.84 20.61
C GLU A 158 -5.77 16.38 20.13
N LEU A 159 -4.99 16.03 19.10
CA LEU A 159 -5.00 14.65 18.59
C LEU A 159 -4.38 13.72 19.63
N GLU A 160 -3.29 14.13 20.28
CA GLU A 160 -2.62 13.31 21.32
C GLU A 160 -3.59 13.03 22.46
N ASP A 161 -4.36 14.05 22.84
CA ASP A 161 -5.35 13.92 23.93
C ASP A 161 -6.46 12.92 23.53
N LYS A 162 -6.87 12.96 22.29
CA LYS A 162 -8.01 12.11 21.85
C LYS A 162 -7.55 10.66 21.80
N VAL A 163 -6.32 10.41 21.33
CA VAL A 163 -5.68 9.06 21.37
C VAL A 163 -5.77 8.52 22.79
N ILE A 164 -5.40 9.31 23.77
CA ILE A 164 -5.34 8.81 25.17
C ILE A 164 -6.77 8.53 25.64
N GLU A 165 -7.69 9.46 25.38
CA GLU A 165 -9.10 9.25 25.81
C GLU A 165 -9.59 7.92 25.25
N LEU A 166 -9.31 7.62 23.97
CA LEU A 166 -9.85 6.36 23.37
C LEU A 166 -9.06 5.18 23.91
N HIS A 167 -7.76 5.36 24.15
CA HIS A 167 -6.91 4.29 24.72
C HIS A 167 -7.50 3.83 26.07
N LYS A 168 -7.99 4.75 26.87
CA LYS A 168 -8.57 4.39 28.18
C LYS A 168 -9.70 3.37 27.99
N SER A 169 -10.44 3.43 26.87
CA SER A 169 -11.66 2.63 26.67
C SER A 169 -11.26 1.20 26.24
N HIS A 170 -9.99 0.93 25.92
CA HIS A 170 -9.63 -0.40 25.33
C HIS A 170 -9.05 -1.35 26.39
N ARG A 171 -9.26 -1.10 27.68
CA ARG A 171 -8.67 -1.97 28.75
C ARG A 171 -8.97 -3.45 28.48
N GLY A 172 -7.94 -4.31 28.53
CA GLY A 172 -8.04 -5.77 28.43
C GLY A 172 -7.91 -6.26 27.00
N MET A 173 -7.74 -5.34 26.05
CA MET A 173 -7.65 -5.70 24.61
C MET A 173 -6.26 -6.26 24.37
N THR A 174 -6.19 -7.40 23.69
CA THR A 174 -4.90 -8.03 23.33
C THR A 174 -4.39 -7.39 22.04
N PRO A 175 -3.09 -7.55 21.74
CA PRO A 175 -2.52 -6.92 20.55
C PRO A 175 -3.24 -7.35 19.28
N ALA A 176 -3.53 -8.65 19.13
CA ALA A 176 -4.23 -9.20 17.95
C ALA A 176 -5.60 -8.56 17.82
N GLU A 177 -6.27 -8.38 18.94
CA GLU A 177 -7.64 -7.83 18.98
C GLU A 177 -7.60 -6.34 18.57
N ALA A 178 -6.63 -5.58 19.07
CA ALA A 178 -6.49 -4.14 18.77
C ALA A 178 -6.10 -3.97 17.28
N GLU A 179 -5.23 -4.83 16.77
CA GLU A 179 -4.82 -4.83 15.34
C GLU A 179 -6.03 -5.13 14.46
N MET A 180 -6.88 -6.07 14.87
CA MET A 180 -8.08 -6.37 14.07
C MET A 180 -9.02 -5.17 14.06
N HIS A 181 -9.20 -4.47 15.19
CA HIS A 181 -10.03 -3.24 15.25
C HIS A 181 -9.41 -2.11 14.40
N PHE A 182 -8.11 -2.01 14.45
CA PHE A 182 -7.41 -1.03 13.60
C PHE A 182 -7.84 -1.26 12.15
N LEU A 183 -7.74 -2.52 11.69
CA LEU A 183 -7.98 -2.87 10.28
C LEU A 183 -9.45 -2.73 9.90
N GLU A 184 -10.37 -2.99 10.83
CA GLU A 184 -11.83 -2.87 10.57
C GLU A 184 -12.16 -1.39 10.29
N ASN A 185 -11.45 -0.48 10.94
CA ASN A 185 -11.60 0.98 10.69
C ASN A 185 -10.84 1.39 9.41
N ALA A 186 -9.57 1.04 9.30
CA ALA A 186 -8.72 1.48 8.17
C ALA A 186 -9.31 1.05 6.82
N LYS A 187 -9.87 -0.18 6.75
CA LYS A 187 -10.34 -0.84 5.51
C LYS A 187 -11.51 -0.03 4.91
N LYS A 188 -12.15 0.81 5.70
CA LYS A 188 -13.35 1.56 5.22
C LYS A 188 -12.99 2.94 4.63
N LEU A 189 -11.75 3.37 4.79
CA LEU A 189 -11.31 4.70 4.35
C LEU A 189 -11.37 4.73 2.81
N SER A 190 -11.82 5.83 2.26
CA SER A 190 -12.07 5.91 0.79
C SER A 190 -10.76 5.68 0.02
N MET A 191 -9.58 5.94 0.58
CA MET A 191 -8.31 5.71 -0.17
C MET A 191 -7.58 4.45 0.31
N TYR A 192 -8.21 3.59 1.11
CA TYR A 192 -7.59 2.30 1.51
C TYR A 192 -7.20 1.46 0.30
N GLY A 193 -5.92 1.12 0.20
CA GLY A 193 -5.39 0.20 -0.83
C GLY A 193 -5.37 0.82 -2.22
N VAL A 194 -5.55 2.15 -2.34
CA VAL A 194 -5.59 2.85 -3.65
C VAL A 194 -4.18 3.30 -4.00
N ASP A 195 -3.62 2.77 -5.09
CA ASP A 195 -2.33 3.20 -5.67
C ASP A 195 -2.62 4.33 -6.68
N LEU A 196 -2.17 5.56 -6.44
CA LEU A 196 -2.53 6.77 -7.22
C LEU A 196 -1.47 7.06 -8.27
N HIS A 197 -1.90 7.34 -9.50
CA HIS A 197 -1.01 7.70 -10.62
C HIS A 197 -1.49 9.00 -11.24
N HIS A 198 -0.62 10.01 -11.27
CA HIS A 198 -0.81 11.26 -12.06
C HIS A 198 -0.98 10.97 -13.57
N ALA A 199 -1.95 11.60 -14.21
CA ALA A 199 -2.22 11.43 -15.65
C ALA A 199 -3.00 12.62 -16.18
N LYS A 200 -3.12 12.65 -17.51
CA LYS A 200 -3.97 13.61 -18.25
C LYS A 200 -4.98 12.82 -19.05
N ASP A 201 -6.19 13.35 -19.13
CA ASP A 201 -7.27 12.74 -19.92
C ASP A 201 -7.00 13.10 -21.38
N SER A 202 -7.83 12.60 -22.30
CA SER A 202 -7.71 12.78 -23.77
C SER A 202 -7.79 14.27 -24.15
N GLU A 203 -8.20 15.16 -23.26
CA GLU A 203 -8.27 16.62 -23.52
C GLU A 203 -7.10 17.37 -22.86
N GLY A 204 -6.17 16.69 -22.19
CA GLY A 204 -5.01 17.30 -21.50
C GLY A 204 -5.30 17.78 -20.08
N VAL A 205 -6.48 17.48 -19.53
CA VAL A 205 -6.88 17.90 -18.16
C VAL A 205 -6.26 16.89 -17.16
N GLU A 206 -5.58 17.40 -16.14
CA GLU A 206 -4.87 16.65 -15.08
C GLU A 206 -5.88 15.86 -14.26
N ILE A 207 -5.71 14.54 -14.21
CA ILE A 207 -6.54 13.62 -13.41
C ILE A 207 -5.60 12.78 -12.54
N MET A 208 -6.20 11.97 -11.66
CA MET A 208 -5.46 10.88 -10.98
C MET A 208 -6.16 9.59 -11.36
N LEU A 209 -5.40 8.54 -11.61
CA LEU A 209 -5.95 7.19 -11.77
C LEU A 209 -5.61 6.38 -10.51
N GLY A 210 -6.60 5.73 -9.92
CA GLY A 210 -6.39 4.96 -8.70
C GLY A 210 -6.58 3.50 -9.02
N VAL A 211 -5.67 2.65 -8.56
CA VAL A 211 -5.75 1.19 -8.82
C VAL A 211 -6.01 0.53 -7.45
N CYS A 212 -7.05 -0.26 -7.34
CA CYS A 212 -7.37 -0.96 -6.07
C CYS A 212 -8.03 -2.29 -6.38
N ALA A 213 -8.36 -3.03 -5.32
CA ALA A 213 -9.04 -4.35 -5.38
C ALA A 213 -10.30 -4.38 -6.28
N SER A 214 -11.12 -3.35 -6.16
CA SER A 214 -12.47 -3.30 -6.80
C SER A 214 -12.30 -2.97 -8.28
N GLY A 215 -11.37 -2.07 -8.61
CA GLY A 215 -11.19 -1.67 -10.03
C GLY A 215 -10.31 -0.46 -10.18
N LEU A 216 -10.60 0.28 -11.23
CA LEU A 216 -9.87 1.51 -11.59
C LEU A 216 -10.75 2.70 -11.25
N LEU A 217 -10.16 3.73 -10.64
CA LEU A 217 -10.86 5.00 -10.32
C LEU A 217 -10.20 6.11 -11.14
N ILE A 218 -11.03 6.99 -11.72
CA ILE A 218 -10.58 8.22 -12.42
C ILE A 218 -11.07 9.42 -11.61
N TYR A 219 -10.16 10.09 -10.90
CA TYR A 219 -10.44 11.29 -10.06
C TYR A 219 -10.24 12.52 -10.95
N ARG A 220 -11.34 13.09 -11.44
CA ARG A 220 -11.36 14.23 -12.40
C ARG A 220 -11.51 15.53 -11.60
N ASP A 221 -12.54 15.60 -10.76
CA ASP A 221 -12.78 16.68 -9.77
C ASP A 221 -13.58 16.07 -8.62
N ARG A 222 -13.97 16.84 -7.61
CA ARG A 222 -14.62 16.29 -6.38
C ARG A 222 -16.09 15.95 -6.68
N LEU A 223 -16.65 16.50 -7.77
CA LEU A 223 -18.02 16.18 -8.27
C LEU A 223 -17.96 14.97 -9.23
N ARG A 224 -16.80 14.71 -9.83
CA ARG A 224 -16.63 13.74 -10.95
C ARG A 224 -15.56 12.69 -10.61
N ILE A 225 -15.98 11.53 -10.11
CA ILE A 225 -15.13 10.31 -9.93
C ILE A 225 -15.78 9.16 -10.70
N ASN A 226 -15.13 8.72 -11.79
CA ASN A 226 -15.55 7.55 -12.61
C ASN A 226 -14.89 6.30 -12.03
N ARG A 227 -15.67 5.23 -11.85
CA ARG A 227 -15.23 3.93 -11.28
C ARG A 227 -15.53 2.82 -12.29
N PHE A 228 -14.54 1.97 -12.59
CA PHE A 228 -14.68 0.85 -13.53
C PHE A 228 -14.35 -0.40 -12.72
N ALA A 229 -15.37 -1.11 -12.24
CA ALA A 229 -15.18 -2.42 -11.57
C ALA A 229 -14.37 -3.29 -12.54
N TRP A 230 -13.45 -4.11 -12.02
CA TRP A 230 -12.57 -4.96 -12.86
C TRP A 230 -13.39 -5.73 -13.91
N PRO A 231 -14.55 -6.33 -13.59
CA PRO A 231 -15.35 -7.01 -14.61
C PRO A 231 -15.66 -6.16 -15.86
N LYS A 232 -15.87 -4.85 -15.68
CA LYS A 232 -16.21 -3.88 -16.76
C LYS A 232 -14.97 -3.58 -17.62
N VAL A 233 -13.75 -3.90 -17.15
CA VAL A 233 -12.49 -3.60 -17.89
C VAL A 233 -12.17 -4.81 -18.78
N LEU A 234 -12.29 -4.68 -20.10
CA LEU A 234 -12.05 -5.87 -20.95
C LEU A 234 -10.57 -6.01 -21.27
N LYS A 235 -9.86 -4.89 -21.38
CA LYS A 235 -8.44 -4.89 -21.78
C LYS A 235 -7.79 -3.55 -21.43
N ILE A 236 -6.51 -3.69 -21.10
CA ILE A 236 -5.52 -2.68 -20.63
C ILE A 236 -4.41 -2.68 -21.69
N SER A 237 -3.79 -1.56 -21.97
CA SER A 237 -2.64 -1.49 -22.90
C SER A 237 -1.87 -0.19 -22.66
N TYR A 238 -0.60 -0.17 -23.02
CA TYR A 238 0.18 1.09 -23.07
C TYR A 238 0.87 1.18 -24.43
N LYS A 239 1.09 2.39 -24.89
CA LYS A 239 1.91 2.64 -26.10
C LYS A 239 2.51 4.02 -25.97
N ARG A 240 3.84 4.14 -26.06
CA ARG A 240 4.56 5.41 -25.87
C ARG A 240 4.21 5.92 -24.45
N ASN A 241 3.67 7.13 -24.33
CA ASN A 241 3.33 7.74 -23.01
C ASN A 241 1.86 7.58 -22.70
N ASN A 242 1.18 6.68 -23.41
CA ASN A 242 -0.29 6.53 -23.32
C ASN A 242 -0.68 5.19 -22.70
N PHE A 243 -1.75 5.27 -21.93
CA PHE A 243 -2.35 4.14 -21.23
C PHE A 243 -3.82 4.10 -21.69
N TYR A 244 -4.30 2.94 -22.12
CA TYR A 244 -5.67 2.79 -22.66
C TYR A 244 -6.41 1.72 -21.87
N ILE A 245 -7.69 1.97 -21.64
CA ILE A 245 -8.58 0.89 -21.13
C ILE A 245 -9.81 0.81 -22.06
N LYS A 246 -10.16 -0.44 -22.31
CA LYS A 246 -11.30 -0.92 -23.15
C LYS A 246 -12.42 -1.27 -22.16
N ILE A 247 -13.51 -0.48 -22.12
CA ILE A 247 -14.65 -0.61 -21.17
C ILE A 247 -15.81 -1.35 -21.87
N ARG A 248 -16.23 -2.48 -21.29
CA ARG A 248 -17.27 -3.37 -21.86
C ARG A 248 -18.47 -2.55 -22.32
N PRO A 249 -19.18 -2.98 -23.39
CA PRO A 249 -20.42 -2.34 -23.78
C PRO A 249 -21.45 -2.72 -22.72
N GLY A 250 -22.31 -1.78 -22.32
CA GLY A 250 -23.55 -2.12 -21.60
C GLY A 250 -24.32 -3.20 -22.38
N GLU A 251 -25.21 -3.93 -21.72
CA GLU A 251 -26.13 -4.87 -22.41
C GLU A 251 -26.74 -4.17 -23.62
N PHE A 252 -26.84 -4.87 -24.75
CA PHE A 252 -27.52 -4.38 -25.99
C PHE A 252 -26.75 -3.23 -26.63
N GLU A 253 -25.45 -3.12 -26.33
CA GLU A 253 -24.56 -2.16 -27.04
C GLU A 253 -23.60 -2.97 -27.90
N GLN A 254 -23.26 -2.45 -29.08
CA GLN A 254 -22.59 -3.22 -30.16
C GLN A 254 -21.08 -3.28 -29.87
N PHE A 255 -20.51 -2.21 -29.29
CA PHE A 255 -19.04 -1.96 -29.23
C PHE A 255 -18.60 -1.46 -27.85
N GLU A 256 -17.49 -2.00 -27.36
CA GLU A 256 -16.72 -1.43 -26.19
C GLU A 256 -16.35 0.05 -26.43
N SER A 257 -16.17 0.86 -25.36
CA SER A 257 -15.64 2.22 -25.43
C SER A 257 -14.13 2.18 -25.11
N THR A 258 -13.35 3.16 -25.56
CA THR A 258 -11.90 3.23 -25.25
C THR A 258 -11.68 4.56 -24.54
N ILE A 259 -10.98 4.49 -23.41
CA ILE A 259 -10.56 5.69 -22.66
C ILE A 259 -9.03 5.68 -22.65
N GLY A 260 -8.46 6.80 -23.08
CA GLY A 260 -7.00 6.97 -23.21
C GLY A 260 -6.53 8.02 -22.24
N PHE A 261 -5.33 7.82 -21.70
CA PHE A 261 -4.69 8.77 -20.78
C PHE A 261 -3.26 8.99 -21.22
N LYS A 262 -2.78 10.19 -20.92
CA LYS A 262 -1.38 10.60 -21.16
C LYS A 262 -0.67 10.51 -19.83
N LEU A 263 0.37 9.71 -19.77
CA LEU A 263 1.27 9.62 -18.58
C LEU A 263 2.48 10.50 -18.85
N PRO A 264 3.19 10.89 -17.77
CA PRO A 264 4.36 11.78 -17.85
C PRO A 264 5.42 11.30 -18.85
N ASN A 265 5.64 9.99 -18.89
CA ASN A 265 6.68 9.40 -19.76
C ASN A 265 6.31 7.95 -19.98
N HIS A 266 7.06 7.27 -20.83
CA HIS A 266 6.82 5.87 -21.22
C HIS A 266 6.92 4.93 -20.02
N ARG A 267 7.85 5.18 -19.11
CA ARG A 267 8.10 4.30 -17.94
C ARG A 267 6.89 4.39 -17.02
N ALA A 268 6.33 5.58 -16.81
CA ALA A 268 5.14 5.80 -15.96
C ALA A 268 3.91 5.10 -16.59
N ALA A 269 3.82 5.05 -17.92
CA ALA A 269 2.72 4.36 -18.60
C ALA A 269 2.88 2.85 -18.38
N LYS A 270 4.10 2.34 -18.50
CA LYS A 270 4.35 0.88 -18.39
C LYS A 270 4.03 0.45 -16.94
N ARG A 271 4.49 1.22 -15.96
CA ARG A 271 4.33 0.97 -14.52
C ARG A 271 2.82 0.88 -14.18
N LEU A 272 2.04 1.86 -14.64
CA LEU A 272 0.58 1.85 -14.42
C LEU A 272 -0.03 0.58 -15.04
N TRP A 273 0.32 0.25 -16.29
CA TRP A 273 -0.15 -0.96 -16.98
C TRP A 273 0.14 -2.21 -16.12
N LYS A 274 1.34 -2.35 -15.59
CA LYS A 274 1.71 -3.63 -14.90
C LYS A 274 0.97 -3.69 -13.56
N VAL A 275 0.86 -2.59 -12.84
CA VAL A 275 0.13 -2.57 -11.53
C VAL A 275 -1.35 -2.91 -11.79
N CYS A 276 -1.96 -2.43 -12.90
CA CYS A 276 -3.37 -2.74 -13.26
C CYS A 276 -3.54 -4.24 -13.56
N VAL A 277 -2.66 -4.80 -14.38
CA VAL A 277 -2.67 -6.24 -14.76
C VAL A 277 -2.57 -7.07 -13.47
N GLU A 278 -1.63 -6.71 -12.59
CA GLU A 278 -1.39 -7.50 -11.34
C GLU A 278 -2.62 -7.42 -10.44
N HIS A 279 -3.20 -6.22 -10.25
CA HIS A 279 -4.42 -6.08 -9.43
C HIS A 279 -5.57 -6.88 -10.07
N HIS A 280 -5.69 -6.80 -11.38
CA HIS A 280 -6.80 -7.49 -12.11
C HIS A 280 -6.67 -9.00 -11.88
N THR A 281 -5.48 -9.55 -11.98
CA THR A 281 -5.25 -11.00 -11.79
C THR A 281 -5.54 -11.36 -10.32
N PHE A 282 -4.99 -10.61 -9.38
CA PHE A 282 -5.05 -10.93 -7.94
C PHE A 282 -6.51 -10.92 -7.51
N PHE A 283 -7.23 -9.87 -7.87
CA PHE A 283 -8.57 -9.61 -7.29
C PHE A 283 -9.63 -10.41 -8.06
N ARG A 284 -9.30 -10.87 -9.27
CA ARG A 284 -10.11 -11.85 -10.05
C ARG A 284 -10.09 -13.22 -9.34
N LEU A 285 -8.99 -13.57 -8.67
CA LEU A 285 -8.82 -14.89 -8.00
C LEU A 285 -9.29 -14.88 -6.54
N LEU A 286 -9.05 -13.76 -5.84
CA LEU A 286 -9.56 -13.50 -4.47
C LEU A 286 -11.09 -13.43 -4.52
N1 S7G B . -16.88 -0.12 -7.59
C4 S7G B . -15.63 0.38 -7.66
C5 S7G B . -15.00 0.34 -8.91
C6 S7G B . -13.70 0.77 -9.04
C7 S7G B . -13.02 1.25 -7.93
C8 S7G B . -13.65 1.30 -6.69
C10 S7G B . -15.65 1.04 -5.21
N S7G B . -17.94 0.62 -4.11
C S7G B . -19.62 2.07 -3.09
O S7G B . -18.42 2.73 -5.05
C1 S7G B . -18.63 1.87 -4.19
C2 S7G B . -16.91 0.11 -5.08
C3 S7G B . -17.67 -0.14 -6.42
C9 S7G B . -14.96 0.89 -6.55
S DMS C . 9.41 2.53 6.75
O DMS C . 8.04 1.96 6.46
C1 DMS C . 9.46 4.09 5.87
C2 DMS C . 9.33 3.19 8.41
S DMS D . -12.32 1.82 -2.36
O DMS D . -13.04 2.64 -1.34
C1 DMS D . -10.77 1.43 -1.58
C2 DMS D . -11.76 2.97 -3.57
C1 EDO E . -3.47 -17.48 14.21
O1 EDO E . -2.53 -16.48 13.82
C2 EDO E . -3.22 -18.79 13.57
O2 EDO E . -1.89 -18.96 13.12
C1 EDO F . 4.40 3.11 -0.36
O1 EDO F . 5.60 2.95 0.40
C2 EDO F . 3.75 1.82 -0.70
O2 EDO F . 4.58 0.93 -1.45
C1 EDO G . -0.66 8.56 -3.23
O1 EDO G . 0.63 8.87 -3.69
C2 EDO G . -0.78 7.10 -2.87
O2 EDO G . -1.06 6.21 -3.97
C1 EDO H . 6.08 5.53 14.74
O1 EDO H . 6.36 5.83 16.07
C2 EDO H . 4.76 4.86 14.59
O2 EDO H . 4.04 5.04 13.37
C1 EDO I . 15.42 8.25 -19.63
O1 EDO I . 16.83 8.44 -19.39
C2 EDO I . 14.78 7.24 -18.73
O2 EDO I . 14.30 6.06 -19.38
C1 EDO J . -1.23 3.37 -0.52
O1 EDO J . 0.12 3.59 -0.16
C2 EDO J . -1.44 2.34 -1.57
O2 EDO J . -0.28 2.24 -2.41
#